data_4GZB
#
_entry.id   4GZB
#
_cell.length_a   83.060
_cell.length_b   83.060
_cell.length_c   122.420
_cell.angle_alpha   90.00
_cell.angle_beta   90.00
_cell.angle_gamma   120.00
#
_symmetry.space_group_name_H-M   'P 32 2 1'
#
loop_
_entity.id
_entity.type
_entity.pdbx_description
1 polymer Beta-lactamase
2 non-polymer 1,2-ETHANEDIOL
3 water water
#
_entity_poly.entity_id   1
_entity_poly.type   'polypeptide(L)'
_entity_poly.pdbx_seq_one_letter_code
;GEAPADRLKALVDAAVQPVMKANDIPGLAVAISLKGEPHYFSYGLASKEDGRRVTPETLFEIGSVSKTFTATLAGYALTQ
DKMRLDDRASQHWPALQGSRFDGISLLDLATYTAGGLPLQFPDSVQKDQAQIRDYYRQWQPTYAPGSQRLYSNPSIGLFG
YLAARSLGQPFERLMEQQVFPALGLEQTHLDVPEAALAQYAQGYGKDDRPLRVGPGPLDAEGYGVKTSAADLLRFVDANL
HPERLDRPWAQALDATHRGYYKVGDMTQGLGWEAYDWPISLKRLQAGNSTPMALQPHRIARLPAPQALEGQRLLNKTGST
NGFGAYVAFVPGRDLGLVILANRNYPNAERVKIAYAILSGLEQQGKVPLKR
;
_entity_poly.pdbx_strand_id   A
#
loop_
_chem_comp.id
_chem_comp.type
_chem_comp.name
_chem_comp.formula
EDO non-polymer 1,2-ETHANEDIOL 'C2 H6 O2'
#
# COMPACT_ATOMS: atom_id res chain seq x y z
N ALA A 3 0.90 -30.32 -2.51
CA ALA A 3 2.39 -30.47 -2.53
C ALA A 3 3.15 -29.15 -2.30
N PRO A 4 2.68 -28.02 -2.91
CA PRO A 4 3.38 -26.78 -2.55
C PRO A 4 3.19 -26.40 -1.07
N ALA A 5 2.03 -26.73 -0.49
CA ALA A 5 1.77 -26.47 0.96
C ALA A 5 2.69 -27.30 1.89
N ASP A 6 3.24 -28.41 1.37
CA ASP A 6 4.01 -29.36 2.19
C ASP A 6 5.29 -28.74 2.78
N ARG A 7 5.97 -27.94 1.97
CA ARG A 7 7.29 -27.42 2.35
C ARG A 7 7.23 -25.96 2.79
N LEU A 8 6.01 -25.40 2.82
CA LEU A 8 5.79 -23.96 3.14
C LEU A 8 6.24 -23.58 4.57
N LYS A 9 5.96 -24.35 5.62
CA LYS A 9 6.44 -23.92 6.99
C LYS A 9 7.96 -23.79 7.05
N ALA A 10 8.67 -24.79 6.51
CA ALA A 10 10.13 -24.74 6.53
C ALA A 10 10.64 -23.53 5.72
N LEU A 11 9.95 -23.27 4.61
CA LEU A 11 10.31 -22.21 3.73
C LEU A 11 10.11 -20.84 4.36
N VAL A 12 8.95 -20.61 5.00
CA VAL A 12 8.59 -19.28 5.52
C VAL A 12 9.50 -19.07 6.73
N ASP A 13 9.75 -20.11 7.53
CA ASP A 13 10.63 -19.98 8.69
C ASP A 13 12.04 -19.58 8.24
N ALA A 14 12.53 -20.21 7.21
CA ALA A 14 13.89 -19.86 6.75
C ALA A 14 13.97 -18.42 6.21
N ALA A 15 12.92 -18.00 5.52
CA ALA A 15 12.81 -16.65 4.99
C ALA A 15 12.74 -15.60 6.16
N VAL A 16 11.84 -15.86 7.13
CA VAL A 16 11.52 -14.93 8.21
C VAL A 16 12.54 -14.86 9.35
N GLN A 17 12.88 -16.02 9.96
CA GLN A 17 13.55 -15.93 11.27
C GLN A 17 14.95 -15.25 11.29
N PRO A 18 15.76 -15.51 10.26
CA PRO A 18 17.08 -14.83 10.16
C PRO A 18 16.89 -13.32 10.06
N VAL A 19 15.83 -12.90 9.37
CA VAL A 19 15.58 -11.46 9.21
C VAL A 19 15.05 -10.83 10.50
N MET A 20 14.15 -11.54 11.16
CA MET A 20 13.65 -11.09 12.43
C MET A 20 14.85 -10.96 13.37
N LYS A 21 15.74 -11.96 13.40
CA LYS A 21 16.87 -11.80 14.26
C LYS A 21 17.78 -10.59 13.87
N ALA A 22 18.13 -10.45 12.60
CA ALA A 22 19.09 -9.47 12.16
C ALA A 22 18.49 -8.07 12.42
N ASN A 23 17.18 -7.95 12.43
CA ASN A 23 16.54 -6.60 12.61
C ASN A 23 15.82 -6.40 13.93
N ASP A 24 15.97 -7.36 14.83
CA ASP A 24 15.36 -7.34 16.14
C ASP A 24 13.88 -7.05 16.04
N ILE A 25 13.18 -7.76 15.16
CA ILE A 25 11.72 -7.55 14.97
C ILE A 25 10.96 -8.28 16.08
N PRO A 26 10.19 -7.54 16.91
CA PRO A 26 9.50 -8.27 18.01
C PRO A 26 8.50 -9.30 17.50
N GLY A 27 7.76 -8.93 16.47
CA GLY A 27 6.62 -9.73 16.05
C GLY A 27 6.36 -9.58 14.57
N LEU A 28 5.92 -10.66 13.91
CA LEU A 28 5.72 -10.62 12.46
C LEU A 28 4.72 -11.72 12.04
N ALA A 29 3.81 -11.37 11.12
CA ALA A 29 2.74 -12.28 10.73
C ALA A 29 2.88 -12.38 9.23
N VAL A 30 2.81 -13.61 8.72
CA VAL A 30 2.84 -13.84 7.30
C VAL A 30 1.55 -14.48 6.93
N ALA A 31 1.01 -14.09 5.79
CA ALA A 31 -0.15 -14.79 5.26
C ALA A 31 0.11 -14.98 3.77
N ILE A 32 -0.06 -16.23 3.30
CA ILE A 32 0.12 -16.54 1.92
C ILE A 32 -1.14 -17.20 1.34
N SER A 33 -1.54 -16.78 0.14
CA SER A 33 -2.64 -17.42 -0.61
C SER A 33 -1.99 -18.22 -1.72
N LEU A 34 -2.20 -19.53 -1.74
CA LEU A 34 -1.64 -20.41 -2.79
C LEU A 34 -2.85 -21.18 -3.45
N LYS A 35 -3.12 -20.85 -4.72
CA LYS A 35 -4.42 -21.15 -5.40
C LYS A 35 -5.70 -20.79 -4.59
N GLY A 36 -5.62 -19.81 -3.73
CA GLY A 36 -6.78 -19.38 -3.01
C GLY A 36 -6.88 -20.10 -1.69
N GLU A 37 -5.93 -20.97 -1.39
CA GLU A 37 -5.88 -21.51 -0.05
C GLU A 37 -5.00 -20.59 0.81
N PRO A 38 -5.53 -20.07 1.94
CA PRO A 38 -4.80 -19.26 2.91
C PRO A 38 -3.92 -20.09 3.88
N HIS A 39 -2.68 -19.63 4.10
CA HIS A 39 -1.73 -20.24 5.04
C HIS A 39 -1.15 -19.10 5.88
N TYR A 40 -1.15 -19.25 7.20
CA TYR A 40 -0.69 -18.25 8.12
C TYR A 40 0.48 -18.75 8.95
N PHE A 41 1.40 -17.83 9.23
CA PHE A 41 2.61 -18.16 10.02
C PHE A 41 2.86 -16.89 10.87
N SER A 42 2.79 -17.06 12.17
CA SER A 42 2.93 -15.98 13.12
C SER A 42 4.18 -16.14 13.92
N TYR A 43 4.89 -15.05 14.15
CA TYR A 43 6.15 -15.12 14.84
C TYR A 43 6.18 -14.07 15.89
N GLY A 44 6.54 -14.48 17.09
CA GLY A 44 6.94 -13.55 18.12
C GLY A 44 5.76 -12.76 18.72
N LEU A 45 6.06 -11.54 19.13
CA LEU A 45 5.20 -10.77 20.04
C LEU A 45 4.57 -9.53 19.39
N ALA A 46 3.24 -9.40 19.57
CA ALA A 46 2.47 -8.18 19.26
C ALA A 46 2.80 -7.11 20.26
N SER A 47 2.97 -7.50 21.53
CA SER A 47 3.35 -6.53 22.58
C SER A 47 4.37 -7.20 23.49
N LYS A 48 5.50 -6.53 23.72
CA LYS A 48 6.51 -7.02 24.64
C LYS A 48 5.95 -6.85 26.05
N GLU A 49 5.61 -5.62 26.42
CA GLU A 49 5.09 -5.34 27.76
C GLU A 49 4.08 -6.42 28.25
N ASP A 50 3.11 -6.77 27.40
CA ASP A 50 2.06 -7.68 27.87
C ASP A 50 2.22 -9.16 27.46
N GLY A 51 3.30 -9.44 26.71
CA GLY A 51 3.62 -10.79 26.27
C GLY A 51 2.59 -11.41 25.33
N ARG A 52 1.81 -10.57 24.63
CA ARG A 52 0.76 -11.07 23.77
C ARG A 52 1.36 -11.55 22.41
N ARG A 53 1.06 -12.77 21.98
CA ARG A 53 1.73 -13.34 20.80
C ARG A 53 1.07 -12.74 19.54
N VAL A 54 1.83 -12.62 18.45
CA VAL A 54 1.23 -12.34 17.16
C VAL A 54 0.39 -13.50 16.69
N THR A 55 -0.79 -13.19 16.13
CA THR A 55 -1.67 -14.26 15.52
C THR A 55 -2.08 -13.73 14.14
N PRO A 56 -2.83 -14.52 13.32
CA PRO A 56 -3.33 -13.97 12.06
C PRO A 56 -4.36 -12.87 12.25
N GLU A 57 -4.87 -12.67 13.46
CA GLU A 57 -5.84 -11.60 13.78
C GLU A 57 -5.26 -10.39 14.46
N THR A 58 -3.96 -10.43 14.79
CA THR A 58 -3.26 -9.23 15.30
C THR A 58 -3.42 -8.06 14.32
N LEU A 59 -3.82 -6.88 14.81
CA LEU A 59 -3.81 -5.67 14.00
C LEU A 59 -2.45 -4.97 14.00
N PHE A 60 -1.98 -4.66 12.78
CA PHE A 60 -0.74 -3.96 12.53
C PHE A 60 -1.08 -2.69 11.79
N GLU A 61 -0.29 -1.66 12.02
CA GLU A 61 -0.35 -0.48 11.14
C GLU A 61 0.37 -0.88 9.82
N ILE A 62 -0.25 -0.60 8.69
CA ILE A 62 0.35 -1.02 7.38
C ILE A 62 0.90 0.14 6.63
N GLY A 63 0.69 1.31 7.21
CA GLY A 63 1.36 2.50 6.67
C GLY A 63 0.93 2.70 5.23
N SER A 64 1.89 2.96 4.37
CA SER A 64 1.61 3.29 2.96
C SER A 64 0.99 2.17 2.16
N VAL A 65 0.94 0.96 2.68
CA VAL A 65 0.12 -0.07 1.99
C VAL A 65 -1.36 0.47 1.93
N SER A 66 -1.67 1.41 2.83
CA SER A 66 -3.01 2.04 2.83
C SER A 66 -3.34 2.69 1.53
N LYS A 67 -2.31 3.16 0.80
CA LYS A 67 -2.48 3.76 -0.52
C LYS A 67 -3.13 2.89 -1.55
N THR A 68 -3.02 1.57 -1.38
CA THR A 68 -3.76 0.69 -2.28
C THR A 68 -5.26 0.62 -1.99
N PHE A 69 -5.68 0.87 -0.73
CA PHE A 69 -7.06 0.98 -0.38
C PHE A 69 -7.59 2.31 -0.88
N THR A 70 -6.72 3.34 -0.77
CA THR A 70 -7.08 4.71 -1.23
C THR A 70 -7.33 4.63 -2.74
N ALA A 71 -6.43 3.98 -3.44
CA ALA A 71 -6.57 3.78 -4.87
C ALA A 71 -7.85 3.03 -5.23
N THR A 72 -8.28 2.10 -4.39
CA THR A 72 -9.49 1.31 -4.71
C THR A 72 -10.76 2.17 -4.63
N LEU A 73 -10.77 3.10 -3.65
CA LEU A 73 -11.85 4.02 -3.52
C LEU A 73 -11.85 4.89 -4.76
N ALA A 74 -10.69 5.44 -5.16
CA ALA A 74 -10.62 6.20 -6.39
C ALA A 74 -11.08 5.42 -7.64
N GLY A 75 -10.79 4.11 -7.64
CA GLY A 75 -11.17 3.26 -8.76
C GLY A 75 -12.68 3.16 -8.85
N TYR A 76 -13.30 3.04 -7.66
CA TYR A 76 -14.73 3.16 -7.50
C TYR A 76 -15.33 4.46 -8.07
N ALA A 77 -14.79 5.60 -7.63
CA ALA A 77 -15.20 6.88 -8.17
C ALA A 77 -15.05 6.96 -9.73
N LEU A 78 -13.93 6.47 -10.26
CA LEU A 78 -13.72 6.37 -11.69
C LEU A 78 -14.75 5.53 -12.40
N THR A 79 -15.01 4.33 -11.90
CA THR A 79 -16.04 3.38 -12.39
C THR A 79 -17.46 3.92 -12.42
N GLN A 80 -17.76 4.74 -11.41
CA GLN A 80 -19.05 5.39 -11.27
C GLN A 80 -19.17 6.74 -12.00
N ASP A 81 -18.14 7.12 -12.80
CA ASP A 81 -18.11 8.33 -13.63
C ASP A 81 -18.19 9.61 -12.80
N LYS A 82 -17.68 9.56 -11.58
CA LYS A 82 -17.66 10.76 -10.69
C LYS A 82 -16.40 11.62 -10.90
N MET A 83 -15.38 11.01 -11.48
CA MET A 83 -14.16 11.71 -11.82
C MET A 83 -13.49 10.92 -12.94
N ARG A 84 -12.52 11.57 -13.55
CA ARG A 84 -11.65 10.97 -14.53
C ARG A 84 -10.22 11.34 -14.11
N LEU A 85 -9.28 10.49 -14.48
CA LEU A 85 -7.89 10.70 -14.15
C LEU A 85 -7.34 11.97 -14.79
N ASP A 86 -7.97 12.50 -15.89
CA ASP A 86 -7.47 13.73 -16.51
C ASP A 86 -8.19 14.95 -15.98
N ASP A 87 -9.07 14.77 -14.97
CA ASP A 87 -9.68 15.95 -14.32
C ASP A 87 -8.58 16.86 -13.69
N ARG A 88 -8.73 18.17 -13.85
CA ARG A 88 -7.95 19.11 -13.02
C ARG A 88 -8.30 18.87 -11.56
N ALA A 89 -7.29 18.85 -10.67
CA ALA A 89 -7.54 18.66 -9.22
C ALA A 89 -8.64 19.62 -8.66
N SER A 90 -8.50 20.89 -9.01
CA SER A 90 -9.42 21.89 -8.43
C SER A 90 -10.86 21.76 -8.93
N GLN A 91 -11.10 20.94 -9.97
CA GLN A 91 -12.52 20.62 -10.31
C GLN A 91 -13.30 19.98 -9.16
N HIS A 92 -12.61 19.26 -8.26
CA HIS A 92 -13.24 18.50 -7.22
C HIS A 92 -13.11 19.17 -5.85
N TRP A 93 -12.43 20.32 -5.80
CA TRP A 93 -12.34 21.16 -4.60
C TRP A 93 -12.30 22.64 -4.93
N PRO A 94 -13.49 23.30 -4.93
CA PRO A 94 -13.53 24.64 -5.46
C PRO A 94 -12.55 25.58 -4.73
N ALA A 95 -12.28 25.28 -3.45
CA ALA A 95 -11.36 26.10 -2.63
C ALA A 95 -9.96 26.09 -3.27
N LEU A 96 -9.64 25.04 -4.04
CA LEU A 96 -8.40 25.06 -4.82
C LEU A 96 -8.39 25.83 -6.14
N GLN A 97 -9.54 26.35 -6.58
CA GLN A 97 -9.55 27.06 -7.87
C GLN A 97 -8.71 28.35 -7.82
N GLY A 98 -7.88 28.55 -8.84
CA GLY A 98 -6.98 29.68 -8.83
C GLY A 98 -5.58 29.38 -8.36
N SER A 99 -5.38 28.20 -7.76
CA SER A 99 -4.07 27.76 -7.36
C SER A 99 -3.38 26.91 -8.47
N ARG A 100 -2.22 26.32 -8.12
CA ARG A 100 -1.45 25.53 -9.10
C ARG A 100 -2.23 24.25 -9.43
N PHE A 101 -3.16 23.88 -8.57
CA PHE A 101 -4.00 22.69 -8.78
C PHE A 101 -5.10 22.80 -9.84
N ASP A 102 -5.23 24.00 -10.40
CA ASP A 102 -5.91 24.16 -11.70
C ASP A 102 -5.20 23.46 -12.83
N GLY A 103 -3.87 23.32 -12.71
CA GLY A 103 -3.06 22.73 -13.77
C GLY A 103 -2.58 21.31 -13.48
N ILE A 104 -3.00 20.72 -12.38
CA ILE A 104 -2.45 19.39 -11.93
C ILE A 104 -3.61 18.42 -12.02
N SER A 105 -3.38 17.28 -12.66
CA SER A 105 -4.44 16.26 -12.85
C SER A 105 -4.56 15.28 -11.68
N LEU A 106 -5.68 14.55 -11.65
CA LEU A 106 -5.81 13.57 -10.59
C LEU A 106 -4.76 12.54 -10.77
N LEU A 107 -4.47 12.19 -12.04
CA LEU A 107 -3.48 11.10 -12.24
C LEU A 107 -2.11 11.57 -11.71
N ASP A 108 -1.74 12.85 -11.96
CA ASP A 108 -0.52 13.41 -11.34
C ASP A 108 -0.49 13.16 -9.83
N LEU A 109 -1.60 13.45 -9.13
CA LEU A 109 -1.58 13.30 -7.68
C LEU A 109 -1.37 11.84 -7.30
N ALA A 110 -2.15 10.96 -7.98
CA ALA A 110 -2.15 9.53 -7.66
C ALA A 110 -0.78 8.91 -7.85
N THR A 111 -0.02 9.41 -8.84
CA THR A 111 1.23 8.77 -9.19
C THR A 111 2.48 9.64 -8.86
N TYR A 112 2.29 10.57 -7.92
CA TYR A 112 3.42 11.36 -7.36
C TYR A 112 4.13 12.22 -8.40
N THR A 113 3.44 12.63 -9.47
CA THR A 113 4.04 13.46 -10.52
C THR A 113 3.45 14.88 -10.60
N ALA A 114 2.84 15.35 -9.50
CA ALA A 114 2.26 16.70 -9.54
C ALA A 114 3.30 17.83 -9.68
N GLY A 115 4.55 17.51 -9.42
CA GLY A 115 5.65 18.52 -9.46
C GLY A 115 6.41 18.66 -8.14
N GLY A 116 6.60 17.55 -7.41
CA GLY A 116 7.46 17.65 -6.24
C GLY A 116 6.80 17.97 -4.92
N LEU A 117 5.47 17.77 -4.79
CA LEU A 117 4.83 17.70 -3.44
C LEU A 117 5.79 16.83 -2.59
N PRO A 118 6.08 17.27 -1.34
CA PRO A 118 7.05 16.64 -0.48
C PRO A 118 6.62 15.26 0.04
N LEU A 119 7.60 14.48 0.48
CA LEU A 119 7.33 13.16 1.03
C LEU A 119 6.26 13.26 2.15
N GLN A 120 6.42 14.23 3.05
CA GLN A 120 5.42 14.46 4.11
C GLN A 120 4.94 15.90 4.08
N PHE A 121 3.70 16.18 4.53
CA PHE A 121 3.40 17.55 4.86
C PHE A 121 4.44 18.17 5.79
N PRO A 122 4.64 19.52 5.68
CA PRO A 122 5.46 20.19 6.67
C PRO A 122 4.86 20.00 8.04
N ASP A 123 5.75 20.08 9.01
CA ASP A 123 5.40 19.94 10.44
C ASP A 123 4.31 20.84 10.91
N SER A 124 4.28 22.05 10.38
CA SER A 124 3.33 23.05 10.77
C SER A 124 1.92 22.74 10.28
N VAL A 125 1.74 21.70 9.46
CA VAL A 125 0.38 21.47 8.93
C VAL A 125 -0.30 20.49 9.84
N GLN A 126 -1.33 20.96 10.53
CA GLN A 126 -2.10 20.11 11.43
C GLN A 126 -3.21 19.36 10.70
N LYS A 127 -3.79 18.37 11.38
CA LYS A 127 -4.96 17.67 10.86
C LYS A 127 -6.14 18.61 10.99
N ASP A 128 -6.39 19.38 9.95
CA ASP A 128 -7.37 20.49 9.98
C ASP A 128 -7.66 20.87 8.55
N GLN A 129 -8.95 20.89 8.18
CA GLN A 129 -9.34 21.15 6.80
C GLN A 129 -8.73 22.41 6.23
N ALA A 130 -8.89 23.53 6.95
CA ALA A 130 -8.37 24.83 6.48
C ALA A 130 -6.86 24.92 6.30
N GLN A 131 -6.14 24.35 7.25
CA GLN A 131 -4.69 24.29 7.17
C GLN A 131 -4.23 23.41 5.99
N ILE A 132 -4.96 22.35 5.70
CA ILE A 132 -4.58 21.49 4.55
C ILE A 132 -4.88 22.31 3.25
N ARG A 133 -6.07 22.89 3.20
CA ARG A 133 -6.53 23.67 2.08
C ARG A 133 -5.50 24.82 1.84
N ASP A 134 -5.14 25.50 2.91
CA ASP A 134 -4.24 26.65 2.75
C ASP A 134 -2.85 26.20 2.26
N TYR A 135 -2.38 25.09 2.81
CA TYR A 135 -1.14 24.48 2.31
C TYR A 135 -1.16 24.28 0.80
N TYR A 136 -2.19 23.62 0.26
CA TYR A 136 -2.25 23.38 -1.20
C TYR A 136 -2.39 24.70 -1.98
N ARG A 137 -3.18 25.62 -1.43
CA ARG A 137 -3.36 26.91 -2.12
C ARG A 137 -2.05 27.65 -2.28
N GLN A 138 -1.13 27.53 -1.33
CA GLN A 138 0.04 28.37 -1.40
C GLN A 138 1.25 27.64 -1.95
N TRP A 139 1.05 26.35 -2.27
CA TRP A 139 2.18 25.52 -2.70
C TRP A 139 2.67 25.87 -4.09
N GLN A 140 4.00 25.94 -4.22
CA GLN A 140 4.66 26.17 -5.51
C GLN A 140 5.58 25.03 -5.97
N PRO A 141 5.46 24.64 -7.25
CA PRO A 141 6.11 23.40 -7.62
C PRO A 141 7.60 23.47 -7.77
N THR A 142 8.21 22.31 -7.51
CA THR A 142 9.59 22.11 -7.74
C THR A 142 9.88 21.75 -9.20
N TYR A 143 9.03 20.91 -9.78
CA TYR A 143 9.19 20.44 -11.15
C TYR A 143 7.88 20.69 -11.92
N ALA A 144 8.01 20.69 -13.25
CA ALA A 144 6.86 20.61 -14.18
C ALA A 144 5.96 19.38 -13.84
N PRO A 145 4.62 19.54 -13.92
CA PRO A 145 3.74 18.37 -13.66
C PRO A 145 3.94 17.31 -14.75
N GLY A 146 3.87 16.03 -14.36
CA GLY A 146 4.09 14.85 -15.27
C GLY A 146 5.52 14.56 -15.59
N SER A 147 6.49 15.23 -14.94
CA SER A 147 7.88 15.04 -15.38
C SER A 147 8.74 14.26 -14.39
N GLN A 148 8.43 14.37 -13.10
CA GLN A 148 9.31 13.73 -12.13
C GLN A 148 8.45 12.96 -11.14
N ARG A 149 8.90 11.80 -10.71
CA ARG A 149 8.16 11.12 -9.63
C ARG A 149 8.84 11.47 -8.33
N LEU A 150 8.10 11.98 -7.33
CA LEU A 150 8.65 12.17 -5.97
C LEU A 150 7.58 11.62 -5.10
N TYR A 151 7.88 10.49 -4.45
CA TYR A 151 6.91 9.79 -3.61
C TYR A 151 6.41 10.70 -2.51
N SER A 152 5.10 10.71 -2.26
CA SER A 152 4.52 11.89 -1.53
C SER A 152 3.16 11.57 -0.91
N ASN A 153 3.10 11.76 0.40
CA ASN A 153 1.82 11.63 1.09
C ASN A 153 0.88 12.75 0.77
N PRO A 154 1.37 14.02 0.78
CA PRO A 154 0.38 15.06 0.39
C PRO A 154 -0.21 14.79 -1.03
N SER A 155 0.60 14.18 -1.88
CA SER A 155 0.17 13.95 -3.24
C SER A 155 -0.95 12.87 -3.34
N ILE A 156 -0.70 11.59 -2.97
CA ILE A 156 -1.77 10.60 -3.09
C ILE A 156 -2.86 10.89 -2.06
N GLY A 157 -2.46 11.54 -0.98
CA GLY A 157 -3.40 12.03 0.06
C GLY A 157 -4.47 12.89 -0.59
N LEU A 158 -4.04 13.92 -1.32
CA LEU A 158 -5.02 14.75 -2.00
C LEU A 158 -5.88 14.00 -3.06
N PHE A 159 -5.27 13.10 -3.80
CA PHE A 159 -5.99 12.24 -4.69
C PHE A 159 -7.15 11.48 -4.01
N GLY A 160 -6.87 10.80 -2.87
CA GLY A 160 -7.95 10.18 -2.12
C GLY A 160 -9.02 11.14 -1.62
N TYR A 161 -8.58 12.28 -1.09
CA TYR A 161 -9.49 13.24 -0.47
C TYR A 161 -10.43 13.77 -1.60
N LEU A 162 -9.87 14.01 -2.78
CA LEU A 162 -10.63 14.44 -3.96
C LEU A 162 -11.58 13.36 -4.45
N ALA A 163 -11.14 12.10 -4.43
CA ALA A 163 -11.99 10.99 -4.86
C ALA A 163 -13.22 10.97 -3.97
N ALA A 164 -13.00 11.17 -2.68
CA ALA A 164 -14.12 11.16 -1.74
C ALA A 164 -15.08 12.31 -1.99
N ARG A 165 -14.56 13.51 -2.22
CA ARG A 165 -15.44 14.70 -2.56
C ARG A 165 -16.24 14.43 -3.82
N SER A 166 -15.60 13.83 -4.82
CA SER A 166 -16.32 13.43 -6.02
C SER A 166 -17.50 12.52 -5.71
N LEU A 167 -17.33 11.65 -4.72
CA LEU A 167 -18.45 10.78 -4.27
C LEU A 167 -19.36 11.44 -3.27
N GLY A 168 -19.06 12.66 -2.89
CA GLY A 168 -20.02 13.46 -2.06
C GLY A 168 -20.01 13.13 -0.58
N GLN A 169 -18.99 12.42 -0.12
CA GLN A 169 -18.92 11.96 1.27
C GLN A 169 -17.46 12.03 1.81
N PRO A 170 -17.27 12.14 3.15
CA PRO A 170 -15.90 12.12 3.69
C PRO A 170 -15.18 10.79 3.39
N PHE A 171 -13.89 10.92 3.17
CA PHE A 171 -13.08 9.75 2.91
C PHE A 171 -13.28 8.62 3.95
N GLU A 172 -13.17 8.96 5.23
CA GLU A 172 -13.22 7.91 6.25
C GLU A 172 -14.55 7.16 6.22
N ARG A 173 -15.64 7.89 6.02
CA ARG A 173 -16.94 7.22 5.94
C ARG A 173 -17.03 6.33 4.75
N LEU A 174 -16.63 6.82 3.59
CA LEU A 174 -16.64 5.97 2.39
C LEU A 174 -15.84 4.69 2.65
N MET A 175 -14.67 4.81 3.25
CA MET A 175 -13.86 3.60 3.48
C MET A 175 -14.53 2.63 4.43
N GLU A 176 -14.98 3.16 5.54
CA GLU A 176 -15.60 2.39 6.60
C GLU A 176 -16.96 1.83 6.24
N GLN A 177 -17.81 2.56 5.50
CA GLN A 177 -19.21 2.08 5.23
C GLN A 177 -19.40 1.43 3.87
N GLN A 178 -18.48 1.69 2.93
CA GLN A 178 -18.61 1.15 1.56
C GLN A 178 -17.44 0.28 1.12
N VAL A 179 -16.20 0.78 1.21
CA VAL A 179 -15.06 0.05 0.64
C VAL A 179 -14.73 -1.22 1.45
N PHE A 180 -14.57 -1.09 2.76
CA PHE A 180 -14.18 -2.27 3.55
C PHE A 180 -15.33 -3.31 3.53
N PRO A 181 -16.60 -2.88 3.71
CA PRO A 181 -17.70 -3.88 3.59
C PRO A 181 -17.79 -4.55 2.24
N ALA A 182 -17.60 -3.79 1.16
CA ALA A 182 -17.56 -4.32 -0.21
C ALA A 182 -16.47 -5.39 -0.46
N LEU A 183 -15.29 -5.22 0.14
CA LEU A 183 -14.20 -6.21 0.06
C LEU A 183 -14.31 -7.28 1.12
N GLY A 184 -15.32 -7.23 1.97
CA GLY A 184 -15.53 -8.29 2.98
C GLY A 184 -14.53 -8.26 4.11
N LEU A 185 -14.07 -7.05 4.47
CA LEU A 185 -13.03 -6.89 5.49
C LEU A 185 -13.59 -6.38 6.82
N GLU A 186 -13.68 -7.29 7.76
CA GLU A 186 -14.21 -6.92 9.06
C GLU A 186 -13.21 -6.69 10.18
N GLN A 187 -11.90 -6.76 9.85
CA GLN A 187 -10.78 -6.53 10.79
C GLN A 187 -9.82 -5.47 10.21
N THR A 188 -10.39 -4.47 9.53
CA THR A 188 -9.63 -3.46 8.85
C THR A 188 -10.22 -2.08 9.24
N HIS A 189 -9.38 -1.17 9.72
CA HIS A 189 -9.88 0.01 10.43
C HIS A 189 -9.05 1.20 10.03
N LEU A 190 -9.67 2.38 9.98
CA LEU A 190 -8.82 3.58 9.94
C LEU A 190 -8.58 4.06 11.39
N ASP A 191 -9.55 3.74 12.24
CA ASP A 191 -9.54 4.10 13.67
C ASP A 191 -10.08 2.87 14.35
N VAL A 192 -9.24 2.24 15.16
CA VAL A 192 -9.50 0.92 15.70
C VAL A 192 -10.58 1.10 16.74
N PRO A 193 -11.70 0.39 16.57
CA PRO A 193 -12.77 0.59 17.58
C PRO A 193 -12.39 0.00 18.96
N GLU A 194 -13.02 0.53 20.00
CA GLU A 194 -12.88 0.00 21.36
C GLU A 194 -12.83 -1.54 21.42
N ALA A 195 -13.79 -2.21 20.80
CA ALA A 195 -13.95 -3.66 20.91
C ALA A 195 -12.78 -4.44 20.28
N ALA A 196 -11.95 -3.74 19.49
CA ALA A 196 -10.82 -4.35 18.82
C ALA A 196 -9.45 -3.94 19.35
N LEU A 197 -9.38 -2.99 20.29
CA LEU A 197 -8.06 -2.48 20.77
C LEU A 197 -7.13 -3.53 21.32
N ALA A 198 -7.66 -4.54 22.02
CA ALA A 198 -6.82 -5.67 22.50
C ALA A 198 -6.06 -6.36 21.39
N GLN A 199 -6.50 -6.20 20.14
CA GLN A 199 -5.78 -6.87 19.05
C GLN A 199 -4.74 -5.97 18.44
N TYR A 200 -4.72 -4.70 18.82
CA TYR A 200 -3.80 -3.73 18.19
C TYR A 200 -2.40 -3.96 18.75
N ALA A 201 -1.48 -4.40 17.91
CA ALA A 201 -0.06 -4.62 18.29
C ALA A 201 0.59 -3.28 18.70
N GLN A 202 1.59 -3.31 19.57
CA GLN A 202 2.45 -2.19 19.82
C GLN A 202 3.46 -2.11 18.72
N GLY A 203 3.80 -0.91 18.27
CA GLY A 203 4.91 -0.75 17.34
C GLY A 203 6.18 -0.44 18.09
N TYR A 204 7.32 -0.76 17.50
CA TYR A 204 8.58 -0.53 18.15
C TYR A 204 9.56 0.25 17.33
N GLY A 205 10.03 1.34 17.90
CA GLY A 205 11.06 2.11 17.23
C GLY A 205 12.47 1.89 17.74
N LYS A 206 13.34 2.84 17.45
CA LYS A 206 14.71 2.78 17.92
C LYS A 206 14.78 2.63 19.47
N ASP A 207 15.62 1.70 19.95
CA ASP A 207 15.78 1.39 21.39
C ASP A 207 14.48 0.84 21.99
N ASP A 208 13.63 0.29 21.13
CA ASP A 208 12.38 -0.36 21.52
C ASP A 208 11.38 0.67 22.09
N ARG A 209 11.53 1.91 21.70
CA ARG A 209 10.46 2.88 22.02
C ARG A 209 9.09 2.38 21.46
N PRO A 210 8.02 2.31 22.30
CA PRO A 210 6.72 1.81 21.80
C PRO A 210 6.04 2.97 21.11
N LEU A 211 5.43 2.71 19.98
CA LEU A 211 4.96 3.80 19.16
C LEU A 211 3.76 3.29 18.47
N ARG A 212 2.70 4.11 18.39
CA ARG A 212 1.60 3.81 17.53
C ARG A 212 1.36 5.15 16.81
N VAL A 213 1.00 5.09 15.53
CA VAL A 213 0.81 6.31 14.70
C VAL A 213 -0.17 7.35 15.29
N GLY A 214 0.26 8.62 15.27
CA GLY A 214 -0.55 9.70 15.75
C GLY A 214 -1.32 10.36 14.64
N PRO A 215 -2.31 11.21 15.01
CA PRO A 215 -3.05 11.87 13.90
C PRO A 215 -2.19 12.86 13.09
N GLY A 216 -2.54 13.00 11.83
CA GLY A 216 -1.75 13.76 10.85
C GLY A 216 -2.69 14.24 9.72
N PRO A 217 -2.36 15.35 9.01
CA PRO A 217 -3.20 15.77 7.84
C PRO A 217 -3.26 14.66 6.75
N LEU A 218 -4.49 14.30 6.37
CA LEU A 218 -4.81 13.23 5.42
C LEU A 218 -4.12 11.93 5.76
N ASP A 219 -4.06 11.62 7.04
CA ASP A 219 -3.40 10.37 7.50
C ASP A 219 -4.19 9.17 6.97
N ALA A 220 -5.53 9.27 6.99
CA ALA A 220 -6.39 8.16 6.53
C ALA A 220 -6.05 7.75 5.09
N GLU A 221 -5.90 8.75 4.23
CA GLU A 221 -5.67 8.54 2.81
C GLU A 221 -4.30 7.98 2.54
N GLY A 222 -3.30 8.45 3.26
CA GLY A 222 -1.90 8.04 2.95
C GLY A 222 -1.40 6.83 3.69
N TYR A 223 -1.76 6.70 4.98
CA TYR A 223 -1.09 5.69 5.83
C TYR A 223 -1.92 5.21 7.04
N GLY A 224 -3.22 5.36 6.94
CA GLY A 224 -4.12 5.18 8.07
C GLY A 224 -4.65 3.79 8.45
N VAL A 225 -4.41 2.77 7.63
CA VAL A 225 -5.11 1.49 7.84
C VAL A 225 -4.38 0.67 8.88
N LYS A 226 -5.16 0.14 9.81
CA LYS A 226 -4.71 -0.95 10.64
C LYS A 226 -5.43 -2.20 10.28
N THR A 227 -4.72 -3.31 10.07
CA THR A 227 -5.45 -4.50 9.68
C THR A 227 -4.69 -5.78 10.09
N SER A 228 -5.32 -6.94 10.01
CA SER A 228 -4.64 -8.20 10.37
C SER A 228 -4.09 -8.82 9.12
N ALA A 229 -3.21 -9.76 9.34
CA ALA A 229 -2.60 -10.41 8.18
C ALA A 229 -3.71 -11.18 7.43
N ALA A 230 -4.66 -11.79 8.14
CA ALA A 230 -5.77 -12.54 7.51
C ALA A 230 -6.65 -11.59 6.64
N ASP A 231 -6.92 -10.37 7.12
CA ASP A 231 -7.76 -9.44 6.34
C ASP A 231 -6.96 -8.87 5.17
N LEU A 232 -5.66 -8.62 5.37
CA LEU A 232 -4.92 -7.99 4.25
C LEU A 232 -4.82 -9.05 3.16
N LEU A 233 -4.68 -10.32 3.57
CA LEU A 233 -4.65 -11.41 2.56
C LEU A 233 -5.98 -11.52 1.76
N ARG A 234 -7.10 -11.37 2.44
CA ARG A 234 -8.40 -11.22 1.77
C ARG A 234 -8.41 -10.11 0.72
N PHE A 235 -7.72 -9.00 0.99
CA PHE A 235 -7.65 -7.85 0.09
C PHE A 235 -6.76 -8.27 -1.06
N VAL A 236 -5.67 -8.93 -0.75
CA VAL A 236 -4.81 -9.42 -1.81
C VAL A 236 -5.59 -10.40 -2.75
N ASP A 237 -6.37 -11.27 -2.15
CA ASP A 237 -7.15 -12.27 -2.89
C ASP A 237 -8.21 -11.64 -3.79
N ALA A 238 -8.85 -10.60 -3.26
CA ALA A 238 -9.74 -9.76 -4.11
C ALA A 238 -8.96 -9.17 -5.31
N ASN A 239 -7.74 -8.65 -5.08
CA ASN A 239 -6.90 -8.15 -6.19
C ASN A 239 -6.54 -9.20 -7.20
N LEU A 240 -6.28 -10.43 -6.73
CA LEU A 240 -5.96 -11.56 -7.59
C LEU A 240 -7.20 -11.91 -8.41
N HIS A 241 -8.41 -11.83 -7.80
CA HIS A 241 -9.64 -12.22 -8.53
C HIS A 241 -10.72 -11.19 -8.38
N PRO A 242 -10.55 -10.05 -9.07
CA PRO A 242 -11.49 -8.97 -8.91
C PRO A 242 -12.89 -9.39 -9.40
N GLU A 243 -12.91 -10.27 -10.38
CA GLU A 243 -14.17 -10.71 -11.01
C GLU A 243 -15.05 -11.52 -10.04
N ARG A 244 -14.49 -12.01 -8.92
CA ARG A 244 -15.30 -12.62 -7.87
C ARG A 244 -16.09 -11.62 -7.01
N LEU A 245 -15.94 -10.32 -7.31
CA LEU A 245 -16.72 -9.30 -6.61
C LEU A 245 -17.90 -8.74 -7.42
N ASP A 246 -18.92 -8.26 -6.72
CA ASP A 246 -20.00 -7.40 -7.30
C ASP A 246 -19.35 -6.45 -8.31
N ARG A 247 -19.89 -6.42 -9.53
CA ARG A 247 -19.21 -5.78 -10.64
C ARG A 247 -18.64 -4.33 -10.41
N PRO A 248 -19.38 -3.43 -9.69
CA PRO A 248 -18.79 -2.10 -9.45
C PRO A 248 -17.43 -2.15 -8.69
N TRP A 249 -17.28 -3.13 -7.80
CA TRP A 249 -16.02 -3.27 -7.08
C TRP A 249 -14.95 -4.04 -7.84
N ALA A 250 -15.35 -4.98 -8.69
CA ALA A 250 -14.41 -5.62 -9.61
C ALA A 250 -13.71 -4.59 -10.50
N GLN A 251 -14.48 -3.68 -11.09
CA GLN A 251 -13.90 -2.66 -11.94
C GLN A 251 -13.02 -1.67 -11.15
N ALA A 252 -13.40 -1.41 -9.89
CA ALA A 252 -12.67 -0.51 -9.04
C ALA A 252 -11.28 -1.11 -8.79
N LEU A 253 -11.24 -2.42 -8.48
CA LEU A 253 -9.94 -3.07 -8.31
C LEU A 253 -9.13 -3.07 -9.62
N ASP A 254 -9.82 -3.34 -10.74
CA ASP A 254 -9.18 -3.38 -12.06
C ASP A 254 -8.50 -2.05 -12.37
N ALA A 255 -9.11 -0.95 -11.93
CA ALA A 255 -8.55 0.38 -12.20
C ALA A 255 -7.24 0.60 -11.45
N THR A 256 -6.96 -0.24 -10.42
CA THR A 256 -5.69 -0.10 -9.67
C THR A 256 -4.64 -1.01 -10.29
N HIS A 257 -5.02 -1.75 -11.31
CA HIS A 257 -4.05 -2.65 -11.99
C HIS A 257 -3.67 -2.12 -13.40
N ARG A 258 -3.43 -0.82 -13.54
CA ARG A 258 -3.12 -0.21 -14.86
C ARG A 258 -1.87 0.61 -14.61
N GLY A 259 -0.86 0.35 -15.43
CA GLY A 259 0.47 1.02 -15.35
C GLY A 259 0.49 2.29 -16.16
N TYR A 260 1.09 3.35 -15.61
CA TYR A 260 1.08 4.69 -16.32
C TYR A 260 2.44 5.10 -16.86
N TYR A 261 3.50 4.73 -16.18
CA TYR A 261 4.86 5.09 -16.59
C TYR A 261 5.79 4.11 -15.87
N LYS A 262 7.03 4.11 -16.28
CA LYS A 262 8.09 3.32 -15.62
C LYS A 262 9.15 4.19 -14.96
N VAL A 263 9.70 3.71 -13.85
CA VAL A 263 10.98 4.28 -13.33
C VAL A 263 11.89 3.03 -13.08
N GLY A 264 13.03 2.99 -13.75
CA GLY A 264 13.84 1.73 -13.80
C GLY A 264 12.95 0.58 -14.21
N ASP A 265 12.94 -0.46 -13.36
CA ASP A 265 12.19 -1.71 -13.60
C ASP A 265 10.73 -1.63 -13.14
N MET A 266 10.37 -0.53 -12.47
CA MET A 266 9.08 -0.43 -11.81
C MET A 266 8.05 0.27 -12.70
N THR A 267 6.86 -0.29 -12.82
CA THR A 267 5.75 0.39 -13.53
C THR A 267 4.79 0.87 -12.44
N GLN A 268 4.52 2.17 -12.45
CA GLN A 268 3.60 2.82 -11.44
C GLN A 268 2.14 2.74 -11.81
N GLY A 269 1.34 2.17 -10.87
CA GLY A 269 -0.14 2.01 -10.99
C GLY A 269 -0.73 3.04 -10.04
N LEU A 270 -2.05 2.97 -9.79
CA LEU A 270 -2.70 3.72 -8.71
C LEU A 270 -2.44 2.83 -7.43
N GLY A 271 -1.53 3.29 -6.57
CA GLY A 271 -1.16 2.51 -5.34
C GLY A 271 -0.13 1.45 -5.66
N TRP A 272 -0.55 0.39 -6.34
CA TRP A 272 0.38 -0.72 -6.70
C TRP A 272 1.55 -0.29 -7.60
N GLU A 273 2.70 -0.92 -7.36
CA GLU A 273 3.85 -0.75 -8.23
C GLU A 273 4.15 -2.12 -8.78
N ALA A 274 4.52 -2.22 -10.08
CA ALA A 274 4.60 -3.51 -10.71
C ALA A 274 5.97 -3.76 -11.38
N TYR A 275 6.35 -5.03 -11.39
CA TYR A 275 7.57 -5.51 -12.05
C TYR A 275 7.24 -6.68 -12.97
N ASP A 276 8.09 -6.86 -13.97
CA ASP A 276 8.05 -8.13 -14.73
C ASP A 276 8.47 -9.30 -13.79
N TRP A 277 7.79 -10.45 -13.91
CA TRP A 277 8.14 -11.60 -13.09
C TRP A 277 8.46 -12.74 -14.07
N PRO A 278 9.61 -13.44 -13.92
CA PRO A 278 10.51 -13.29 -12.78
C PRO A 278 11.42 -12.08 -12.93
N ILE A 279 11.93 -11.62 -11.81
CA ILE A 279 12.98 -10.64 -11.84
C ILE A 279 13.92 -11.02 -10.72
N SER A 280 15.16 -10.56 -10.79
CA SER A 280 16.14 -10.88 -9.74
C SER A 280 15.76 -10.26 -8.39
N LEU A 281 16.33 -10.85 -7.33
CA LEU A 281 16.21 -10.27 -6.00
C LEU A 281 16.78 -8.85 -6.00
N LYS A 282 17.95 -8.69 -6.61
CA LYS A 282 18.54 -7.38 -6.45
C LYS A 282 17.74 -6.27 -7.18
N ARG A 283 17.11 -6.61 -8.31
CA ARG A 283 16.35 -5.63 -9.07
C ARG A 283 15.07 -5.30 -8.35
N LEU A 284 14.44 -6.29 -7.75
CA LEU A 284 13.25 -5.97 -6.94
C LEU A 284 13.55 -5.12 -5.69
N GLN A 285 14.66 -5.39 -5.01
CA GLN A 285 15.08 -4.54 -3.88
C GLN A 285 15.38 -3.09 -4.38
N ALA A 286 16.01 -2.96 -5.53
CA ALA A 286 16.32 -1.62 -6.04
C ALA A 286 15.06 -0.83 -6.29
N GLY A 287 14.01 -1.53 -6.80
CA GLY A 287 12.75 -0.88 -7.09
C GLY A 287 12.04 -0.43 -5.81
N ASN A 288 12.37 -1.08 -4.68
CA ASN A 288 11.85 -0.77 -3.36
C ASN A 288 12.89 -0.08 -2.46
N SER A 289 13.91 0.50 -3.09
CA SER A 289 15.05 1.14 -2.39
C SER A 289 14.76 2.54 -1.76
N THR A 290 15.60 2.92 -0.82
CA THR A 290 15.41 4.22 -0.15
C THR A 290 15.49 5.35 -1.23
N PRO A 291 16.42 5.26 -2.22
CA PRO A 291 16.44 6.33 -3.19
C PRO A 291 15.21 6.36 -4.06
N MET A 292 14.58 5.20 -4.33
CA MET A 292 13.34 5.21 -5.06
C MET A 292 12.23 6.03 -4.32
N ALA A 293 12.21 5.91 -2.99
CA ALA A 293 11.19 6.51 -2.17
C ALA A 293 11.56 8.00 -1.91
N LEU A 294 12.85 8.27 -1.79
CA LEU A 294 13.23 9.60 -1.23
C LEU A 294 13.73 10.57 -2.27
N GLN A 295 14.17 10.08 -3.42
CA GLN A 295 14.69 10.99 -4.44
C GLN A 295 13.73 11.18 -5.62
N PRO A 296 13.81 12.33 -6.32
CA PRO A 296 13.00 12.48 -7.51
C PRO A 296 13.60 11.59 -8.62
N HIS A 297 12.72 11.12 -9.51
CA HIS A 297 13.14 10.34 -10.70
C HIS A 297 12.36 10.71 -11.97
N ARG A 298 13.07 10.68 -13.09
CA ARG A 298 12.50 11.03 -14.41
C ARG A 298 11.66 9.83 -14.76
N ILE A 299 10.43 10.06 -15.23
CA ILE A 299 9.56 8.94 -15.61
C ILE A 299 9.72 8.61 -17.11
N ALA A 300 9.48 7.36 -17.46
CA ALA A 300 9.34 6.93 -18.85
C ALA A 300 7.84 6.69 -19.05
N ARG A 301 7.15 7.64 -19.68
CA ARG A 301 5.65 7.62 -19.75
C ARG A 301 5.23 6.56 -20.78
N LEU A 302 4.26 5.72 -20.48
CA LEU A 302 3.84 4.72 -21.46
C LEU A 302 2.86 5.34 -22.45
N PRO A 303 2.96 4.93 -23.73
CA PRO A 303 2.06 5.52 -24.77
C PRO A 303 0.59 5.40 -24.34
N ALA A 304 0.26 4.26 -23.73
CA ALA A 304 -1.08 3.91 -23.24
C ALA A 304 -0.97 3.19 -21.87
N PRO A 305 -2.00 3.28 -21.00
CA PRO A 305 -2.03 2.52 -19.74
C PRO A 305 -1.87 1.01 -20.01
N GLN A 306 -1.00 0.36 -19.24
CA GLN A 306 -0.71 -1.07 -19.44
C GLN A 306 -1.44 -1.86 -18.40
N ALA A 307 -2.20 -2.90 -18.80
CA ALA A 307 -2.85 -3.76 -17.82
C ALA A 307 -1.76 -4.54 -17.03
N LEU A 308 -1.78 -4.45 -15.69
CA LEU A 308 -0.80 -5.10 -14.85
C LEU A 308 -1.27 -6.54 -14.51
N GLU A 309 -1.05 -7.46 -15.45
CA GLU A 309 -1.69 -8.80 -15.40
C GLU A 309 -0.60 -9.78 -15.78
N GLY A 310 -0.95 -11.05 -15.93
CA GLY A 310 -0.01 -12.08 -16.37
C GLY A 310 1.24 -12.25 -15.51
N GLN A 311 2.38 -12.25 -16.21
CA GLN A 311 3.71 -12.45 -15.70
C GLN A 311 4.28 -11.14 -15.13
N ARG A 312 3.63 -10.70 -14.09
CA ARG A 312 3.94 -9.45 -13.41
C ARG A 312 3.82 -9.68 -11.92
N LEU A 313 4.61 -8.96 -11.15
CA LEU A 313 4.46 -8.95 -9.69
C LEU A 313 4.07 -7.55 -9.32
N LEU A 314 2.98 -7.45 -8.56
CA LEU A 314 2.50 -6.17 -8.03
C LEU A 314 2.80 -6.16 -6.53
N ASN A 315 3.27 -5.04 -6.02
CA ASN A 315 3.66 -4.98 -4.59
C ASN A 315 3.46 -3.61 -4.03
N LYS A 316 3.51 -3.53 -2.71
CA LYS A 316 3.53 -2.23 -2.07
C LYS A 316 4.22 -2.45 -0.71
N THR A 317 5.16 -1.56 -0.39
CA THR A 317 5.69 -1.51 0.97
C THR A 317 4.90 -0.44 1.75
N GLY A 318 4.95 -0.53 3.06
CA GLY A 318 4.33 0.54 3.83
C GLY A 318 4.91 0.58 5.23
N SER A 319 5.16 1.77 5.75
CA SER A 319 5.74 1.84 7.09
C SER A 319 5.05 2.92 7.93
N THR A 320 5.23 2.84 9.23
CA THR A 320 4.95 3.99 10.17
C THR A 320 6.21 4.05 11.06
N ASN A 321 6.27 4.94 12.06
CA ASN A 321 7.43 4.97 12.92
C ASN A 321 7.68 3.65 13.64
N GLY A 322 6.60 2.94 13.94
CA GLY A 322 6.72 1.65 14.61
C GLY A 322 6.52 0.34 13.84
N PHE A 323 6.15 0.41 12.56
CA PHE A 323 5.67 -0.81 11.86
C PHE A 323 6.26 -0.82 10.45
N GLY A 324 6.33 -2.04 9.87
CA GLY A 324 6.83 -2.26 8.50
C GLY A 324 6.05 -3.40 7.87
N ALA A 325 5.35 -3.03 6.79
CA ALA A 325 4.48 -3.96 6.06
C ALA A 325 5.04 -4.16 4.63
N TYR A 326 4.67 -5.30 4.02
CA TYR A 326 4.91 -5.53 2.62
C TYR A 326 3.86 -6.47 2.10
N VAL A 327 3.32 -6.15 0.93
CA VAL A 327 2.33 -7.07 0.22
C VAL A 327 2.77 -7.27 -1.24
N ALA A 328 2.59 -8.50 -1.76
CA ALA A 328 2.95 -8.75 -3.12
C ALA A 328 2.03 -9.81 -3.69
N PHE A 329 1.75 -9.72 -4.97
CA PHE A 329 0.92 -10.81 -5.52
C PHE A 329 1.35 -11.01 -6.97
N VAL A 330 1.17 -12.24 -7.51
CA VAL A 330 1.59 -12.52 -8.87
C VAL A 330 0.34 -13.10 -9.58
N PRO A 331 -0.39 -12.29 -10.38
CA PRO A 331 -1.66 -12.71 -10.97
C PRO A 331 -1.44 -14.04 -11.73
N GLY A 332 -0.28 -14.16 -12.40
CA GLY A 332 0.04 -15.30 -13.25
C GLY A 332 0.49 -16.58 -12.57
N ARG A 333 0.66 -16.54 -11.25
CA ARG A 333 0.91 -17.72 -10.44
C ARG A 333 -0.22 -17.96 -9.41
N ASP A 334 -1.18 -17.04 -9.37
CA ASP A 334 -2.23 -17.05 -8.37
C ASP A 334 -1.67 -17.19 -6.98
N LEU A 335 -0.77 -16.26 -6.71
CA LEU A 335 0.03 -16.29 -5.52
C LEU A 335 -0.06 -14.91 -4.90
N GLY A 336 -0.51 -14.89 -3.66
CA GLY A 336 -0.43 -13.66 -2.87
C GLY A 336 0.32 -13.82 -1.55
N LEU A 337 0.87 -12.70 -1.04
CA LEU A 337 1.68 -12.69 0.17
C LEU A 337 1.60 -11.41 0.92
N VAL A 338 1.48 -11.53 2.25
CA VAL A 338 1.47 -10.36 3.12
C VAL A 338 2.52 -10.62 4.22
N ILE A 339 3.31 -9.62 4.57
CA ILE A 339 4.34 -9.74 5.66
C ILE A 339 4.15 -8.48 6.50
N LEU A 340 3.63 -8.63 7.72
CA LEU A 340 3.40 -7.49 8.63
C LEU A 340 4.22 -7.62 9.91
N ALA A 341 4.93 -6.55 10.24
CA ALA A 341 5.83 -6.53 11.38
C ALA A 341 5.57 -5.27 12.23
N ASN A 342 5.87 -5.39 13.54
CA ASN A 342 5.82 -4.23 14.44
C ASN A 342 7.21 -3.69 14.67
N ARG A 343 8.01 -3.63 13.61
CA ARG A 343 9.21 -2.72 13.56
C ARG A 343 9.25 -2.19 12.16
N ASN A 344 9.61 -0.91 12.02
CA ASN A 344 9.96 -0.41 10.66
C ASN A 344 11.39 -0.84 10.30
N TYR A 345 11.51 -2.01 9.65
CA TYR A 345 12.80 -2.58 9.30
C TYR A 345 12.96 -2.39 7.78
N PRO A 346 14.20 -2.48 7.28
CA PRO A 346 14.39 -1.93 5.96
C PRO A 346 13.62 -2.66 4.85
N ASN A 347 13.19 -1.91 3.85
CA ASN A 347 12.44 -2.51 2.72
C ASN A 347 13.28 -3.64 2.05
N ALA A 348 14.58 -3.44 1.94
CA ALA A 348 15.39 -4.55 1.35
C ALA A 348 15.23 -5.89 2.08
N GLU A 349 15.00 -5.86 3.41
CA GLU A 349 14.82 -7.11 4.21
C GLU A 349 13.42 -7.64 4.03
N ARG A 350 12.44 -6.76 3.85
CA ARG A 350 11.04 -7.23 3.54
C ARG A 350 11.06 -7.92 2.24
N VAL A 351 11.72 -7.31 1.25
CA VAL A 351 11.75 -7.95 -0.05
C VAL A 351 12.51 -9.28 0.05
N LYS A 352 13.60 -9.28 0.81
CA LYS A 352 14.32 -10.52 1.05
C LYS A 352 13.45 -11.67 1.54
N ILE A 353 12.58 -11.43 2.52
CA ILE A 353 11.65 -12.45 2.98
C ILE A 353 10.68 -12.88 1.86
N ALA A 354 10.07 -11.90 1.19
CA ALA A 354 9.09 -12.22 0.17
C ALA A 354 9.66 -13.02 -0.99
N TYR A 355 10.82 -12.61 -1.39
CA TYR A 355 11.53 -13.25 -2.49
C TYR A 355 11.89 -14.71 -2.18
N ALA A 356 12.44 -14.94 -0.99
CA ALA A 356 12.70 -16.33 -0.57
C ALA A 356 11.42 -17.17 -0.70
N ILE A 357 10.30 -16.63 -0.22
CA ILE A 357 8.98 -17.33 -0.33
C ILE A 357 8.53 -17.56 -1.78
N LEU A 358 8.50 -16.49 -2.57
CA LEU A 358 8.12 -16.56 -3.98
C LEU A 358 9.06 -17.47 -4.74
N SER A 359 10.37 -17.31 -4.54
CA SER A 359 11.33 -18.12 -5.31
C SER A 359 11.33 -19.59 -4.85
N GLY A 360 11.16 -19.80 -3.53
CA GLY A 360 10.99 -21.17 -2.99
C GLY A 360 9.79 -21.87 -3.66
N LEU A 361 8.67 -21.18 -3.77
CA LEU A 361 7.44 -21.74 -4.38
C LEU A 361 7.58 -22.01 -5.89
N GLU A 362 8.34 -21.17 -6.56
CA GLU A 362 8.57 -21.37 -8.01
C GLU A 362 9.44 -22.58 -8.29
N GLN A 363 10.55 -22.71 -7.53
CA GLN A 363 11.48 -23.84 -7.63
C GLN A 363 10.73 -25.15 -7.48
N GLN A 364 9.72 -25.13 -6.63
CA GLN A 364 8.95 -26.33 -6.36
C GLN A 364 8.21 -26.85 -7.60
N GLY A 365 7.99 -25.98 -8.57
CA GLY A 365 7.14 -26.30 -9.72
C GLY A 365 7.82 -26.98 -10.89
N LYS A 366 9.07 -27.43 -10.75
CA LYS A 366 9.84 -27.94 -11.90
C LYS A 366 9.58 -29.38 -12.09
N VAL A 367 9.78 -29.91 -13.31
CA VAL A 367 9.67 -31.33 -13.55
C VAL A 367 10.93 -31.96 -12.96
N PRO A 368 10.77 -33.05 -12.18
CA PRO A 368 11.94 -33.78 -11.72
C PRO A 368 12.64 -34.48 -12.88
N LEU A 369 13.94 -34.25 -13.01
CA LEU A 369 14.79 -34.82 -14.06
C LEU A 369 15.93 -35.72 -13.48
C1 EDO B . 6.79 3.92 3.56
O1 EDO B . 5.44 3.96 4.09
C2 EDO B . 6.68 3.49 2.16
O2 EDO B . 6.81 2.06 2.18
#